data_4B1I
#
_entry.id   4B1I
#
_cell.length_a   66.687
_cell.length_b   90.407
_cell.length_c   94.290
_cell.angle_alpha   90.00
_cell.angle_beta   90.00
_cell.angle_gamma   90.00
#
_symmetry.space_group_name_H-M   'P 21 21 21'
#
loop_
_entity.id
_entity.type
_entity.pdbx_description
1 polymer 'POLY(ADP-RIBOSE) GLYCOHYDROLASE'
2 non-polymer (2S,3S)-1,4-DIMERCAPTOBUTANE-2,3-DIOL
3 non-polymer GLYCEROL
4 non-polymer '8-n-octylamino-adenosine diphosphate hydroxypyrrolidinediol'
5 non-polymer 'SULFATE ION'
6 water water
#
_entity_poly.entity_id   1
_entity_poly.type   'polypeptide(L)'
_entity_poly.pdbx_seq_one_letter_code
;GSSPDKKWLGTPIEEMRRMPRCGIRLPLLRPSANHTVTIRVDLLRAGEVPKPFPTHYKDLWDNKHVKMPCSEQNLYPVED
ENGERTAGSRWELIQTALLNKFTRPQNLKDAILKYNVAYSKKWDFTALIDFWDKVLEEAEAQHLYQSILPDMVKIALCLP
NICTQPIPLLAAAMNHSITMSQEQIASLLANAFFCTFPRRNAKMKSEYSSYPDINFNRLFEGRSSRKPEKLKTLFCYFRR
VTAAAPTGLVTFTRQSLEDFPEWERCEKPLTRLHVTYEGTIEENGQGMLQVDFANRFVGGGVTSAGLVQEEIRFLINPEL
IISRLFTEVLDHNECLIITGTEQYSEYTGYAETYRWSRSHEDGSERDDWQRRCTEIVAIDALHFRRYLDQFVPEKMRREL
NKAYCGFLRPGVSSENLSAVATGNWGCGAFGGDARLKALIQILAAAAAERDVVYFTFGDSELMRDIYSMHIFLTERKLTV
GDVYKLLLRYYNEECRNCSTPGPDIKLYPFIYHAVESCAETADHSGQRTGT
;
_entity_poly.pdbx_strand_id   A
#
# COMPACT_ATOMS: atom_id res chain seq x y z
N ASP A 5 11.60 21.09 25.03
CA ASP A 5 11.04 20.67 23.70
C ASP A 5 9.75 19.83 23.83
N LYS A 6 8.66 20.30 23.22
CA LYS A 6 7.35 19.63 23.27
C LYS A 6 7.35 18.38 22.37
N LYS A 7 6.44 17.43 22.60
CA LYS A 7 6.32 16.22 21.77
C LYS A 7 5.57 16.46 20.44
N TRP A 8 4.71 17.46 20.40
CA TRP A 8 3.99 17.82 19.19
C TRP A 8 3.83 19.34 19.15
N LEU A 9 3.63 19.88 17.94
CA LEU A 9 3.48 21.30 17.74
C LEU A 9 2.33 21.55 16.78
N GLY A 10 1.77 22.76 16.87
CA GLY A 10 0.76 23.24 15.97
C GLY A 10 -0.62 23.06 16.51
N THR A 11 -1.54 22.76 15.62
CA THR A 11 -2.94 22.54 15.96
C THR A 11 -3.03 21.26 16.78
N PRO A 12 -3.83 21.27 17.88
CA PRO A 12 -4.05 20.03 18.61
C PRO A 12 -4.67 18.98 17.73
N ILE A 13 -4.26 17.73 17.88
CA ILE A 13 -4.76 16.63 17.06
C ILE A 13 -6.26 16.38 17.22
N GLU A 14 -6.79 16.76 18.38
CA GLU A 14 -8.21 16.65 18.68
C GLU A 14 -9.05 17.55 17.76
N GLU A 15 -8.47 18.67 17.33
CA GLU A 15 -9.14 19.59 16.40
C GLU A 15 -9.15 19.11 14.92
N MET A 16 -8.47 18.01 14.61
CA MET A 16 -8.40 17.49 13.21
C MET A 16 -9.56 16.55 12.86
N ARG A 17 -9.87 16.46 11.56
CA ARG A 17 -11.01 15.64 11.07
C ARG A 17 -10.60 14.18 10.90
N ARG A 18 -11.55 13.30 11.24
CA ARG A 18 -11.36 11.84 11.31
C ARG A 18 -12.63 11.10 10.86
N MET A 19 -12.43 9.95 10.22
CA MET A 19 -13.50 9.02 9.82
C MET A 19 -13.90 8.04 10.93
N PRO A 20 -15.15 7.53 10.89
CA PRO A 20 -16.19 7.80 9.89
C PRO A 20 -17.07 9.02 10.25
N ARG A 21 -16.72 9.73 11.33
CA ARG A 21 -17.53 10.82 11.85
C ARG A 21 -17.55 12.03 10.91
N CYS A 22 -16.42 12.33 10.27
CA CYS A 22 -16.33 13.39 9.25
C CYS A 22 -16.96 13.00 7.90
N GLY A 23 -17.14 11.69 7.66
CA GLY A 23 -17.64 11.16 6.36
C GLY A 23 -19.07 11.44 5.93
N ILE A 24 -19.26 11.75 4.65
CA ILE A 24 -20.60 11.87 4.09
C ILE A 24 -21.31 10.50 4.17
N ARG A 25 -22.62 10.49 3.99
CA ARG A 25 -23.40 9.25 4.15
C ARG A 25 -23.10 8.42 2.92
N LEU A 26 -22.56 7.22 3.09
CA LEU A 26 -22.22 6.41 1.91
C LEU A 26 -23.45 6.15 1.07
N PRO A 27 -23.34 6.34 -0.26
CA PRO A 27 -24.38 5.86 -1.15
C PRO A 27 -24.52 4.34 -1.04
N LEU A 28 -25.60 3.76 -1.55
CA LEU A 28 -25.73 2.33 -1.48
C LEU A 28 -24.69 1.66 -2.39
N LEU A 29 -24.10 0.59 -1.90
CA LEU A 29 -23.10 -0.13 -2.66
C LEU A 29 -23.77 -0.82 -3.82
N ARG A 30 -23.36 -0.50 -5.04
CA ARG A 30 -23.88 -1.15 -6.25
C ARG A 30 -22.80 -1.25 -7.33
N PRO A 31 -22.80 -2.35 -8.10
CA PRO A 31 -21.86 -2.41 -9.23
C PRO A 31 -22.25 -1.43 -10.33
N SER A 32 -21.24 -0.91 -11.04
CA SER A 32 -21.46 0.02 -12.13
C SER A 32 -20.26 -0.08 -13.04
N ALA A 33 -20.26 0.70 -14.12
CA ALA A 33 -19.20 0.67 -15.11
C ALA A 33 -17.82 0.93 -14.49
N ASN A 34 -17.74 1.80 -13.50
CA ASN A 34 -16.46 2.10 -12.88
C ASN A 34 -16.33 1.50 -11.47
N HIS A 35 -17.22 0.57 -11.12
CA HIS A 35 -17.15 -0.08 -9.82
C HIS A 35 -17.53 -1.57 -9.84
N THR A 36 -16.51 -2.42 -9.72
CA THR A 36 -16.70 -3.87 -9.64
C THR A 36 -17.01 -4.26 -8.20
N VAL A 37 -18.09 -5.01 -7.99
CA VAL A 37 -18.46 -5.48 -6.66
C VAL A 37 -18.72 -6.99 -6.79
N THR A 38 -17.91 -7.78 -6.06
CA THR A 38 -17.86 -9.23 -6.24
C THR A 38 -18.70 -9.98 -5.20
N ILE A 39 -19.57 -9.27 -4.50
CA ILE A 39 -20.43 -9.85 -3.51
C ILE A 39 -21.87 -9.39 -3.74
N ARG A 40 -22.82 -10.14 -3.15
CA ARG A 40 -24.24 -9.79 -3.21
C ARG A 40 -24.53 -8.58 -2.31
N VAL A 41 -24.68 -7.41 -2.92
CA VAL A 41 -24.94 -6.18 -2.14
C VAL A 41 -26.30 -6.28 -1.41
N ASP A 42 -27.27 -6.97 -2.01
CA ASP A 42 -28.61 -7.14 -1.38
C ASP A 42 -28.53 -8.00 -0.11
N LEU A 43 -27.46 -8.78 0.03
CA LEU A 43 -27.33 -9.70 1.18
C LEU A 43 -26.23 -9.31 2.17
N LEU A 44 -25.68 -8.11 2.01
CA LEU A 44 -24.60 -7.66 2.88
C LEU A 44 -25.19 -7.26 4.20
N ARG A 45 -24.72 -7.93 5.24
CA ARG A 45 -25.22 -7.75 6.60
C ARG A 45 -24.05 -7.86 7.60
N ALA A 46 -23.99 -6.92 8.54
CA ALA A 46 -22.98 -6.89 9.63
C ALA A 46 -22.85 -8.22 10.33
N GLY A 47 -21.62 -8.71 10.45
CA GLY A 47 -21.34 -9.97 11.14
C GLY A 47 -21.66 -11.22 10.33
N GLU A 48 -22.06 -11.07 9.08
CA GLU A 48 -22.31 -12.21 8.21
C GLU A 48 -21.27 -12.24 7.10
N VAL A 49 -20.81 -13.45 6.76
CA VAL A 49 -19.89 -13.65 5.66
C VAL A 49 -20.62 -13.33 4.35
N PRO A 50 -20.07 -12.40 3.54
CA PRO A 50 -20.69 -12.05 2.27
C PRO A 50 -20.85 -13.20 1.28
N LYS A 51 -21.97 -13.16 0.56
CA LYS A 51 -22.26 -14.14 -0.47
C LYS A 51 -21.61 -13.65 -1.77
N PRO A 52 -20.76 -14.48 -2.41
CA PRO A 52 -20.19 -14.09 -3.68
C PRO A 52 -21.24 -13.92 -4.74
N PHE A 53 -21.05 -12.93 -5.59
CA PHE A 53 -21.88 -12.76 -6.78
C PHE A 53 -20.99 -12.75 -8.00
N PRO A 54 -21.30 -13.57 -9.03
CA PRO A 54 -22.42 -14.48 -9.18
C PRO A 54 -22.31 -15.72 -8.32
N THR A 55 -23.38 -16.53 -8.28
CA THR A 55 -23.41 -17.72 -7.47
C THR A 55 -22.38 -18.77 -7.92
N HIS A 56 -22.26 -18.95 -9.24
CA HIS A 56 -21.35 -19.92 -9.83
C HIS A 56 -20.23 -19.27 -10.61
N TYR A 57 -19.08 -19.91 -10.55
CA TYR A 57 -17.87 -19.44 -11.21
C TYR A 57 -18.09 -19.07 -12.68
N LYS A 58 -17.64 -17.86 -13.03
CA LYS A 58 -17.61 -17.36 -14.40
C LYS A 58 -16.17 -16.95 -14.68
N ASP A 59 -15.62 -17.40 -15.80
CA ASP A 59 -14.23 -17.19 -16.14
C ASP A 59 -14.07 -16.17 -17.25
N LEU A 60 -13.09 -15.27 -17.10
CA LEU A 60 -12.62 -14.44 -18.20
C LEU A 60 -11.11 -14.60 -18.26
N TRP A 61 -10.61 -15.11 -19.39
CA TRP A 61 -9.19 -15.32 -19.62
C TRP A 61 -8.78 -14.41 -20.77
N ASP A 62 -8.42 -13.20 -20.42
CA ASP A 62 -8.15 -12.17 -21.42
C ASP A 62 -7.19 -11.10 -20.88
N ASN A 63 -6.89 -10.09 -21.70
N ASN A 63 -6.97 -10.09 -21.73
CA ASN A 63 -5.93 -9.07 -21.32
CA ASN A 63 -6.08 -8.97 -21.51
C ASN A 63 -6.48 -7.96 -20.41
C ASN A 63 -6.52 -7.94 -20.48
N LYS A 64 -7.76 -8.03 -20.02
CA LYS A 64 -8.35 -7.01 -19.15
C LYS A 64 -8.74 -7.52 -17.76
N HIS A 65 -8.51 -8.80 -17.52
CA HIS A 65 -8.88 -9.42 -16.27
C HIS A 65 -7.74 -10.26 -15.71
N VAL A 66 -7.81 -10.55 -14.41
CA VAL A 66 -6.89 -11.44 -13.77
C VAL A 66 -7.06 -12.81 -14.39
N LYS A 67 -5.93 -13.46 -14.67
CA LYS A 67 -5.89 -14.86 -15.06
C LYS A 67 -5.91 -15.74 -13.82
N MET A 68 -7.07 -16.26 -13.53
CA MET A 68 -7.33 -17.09 -12.37
C MET A 68 -6.70 -18.47 -12.48
N PRO A 69 -6.11 -18.97 -11.38
CA PRO A 69 -5.50 -20.28 -11.39
C PRO A 69 -6.52 -21.37 -11.71
N CYS A 70 -7.78 -21.13 -11.35
CA CYS A 70 -8.83 -22.13 -11.51
C CYS A 70 -9.50 -22.07 -12.91
N SER A 71 -9.06 -21.14 -13.76
CA SER A 71 -9.55 -21.11 -15.16
C SER A 71 -9.35 -22.42 -15.90
N GLU A 72 -10.36 -22.82 -16.68
CA GLU A 72 -10.20 -23.96 -17.59
C GLU A 72 -9.15 -23.70 -18.68
N GLN A 73 -8.82 -22.43 -18.92
CA GLN A 73 -7.75 -22.08 -19.86
C GLN A 73 -6.37 -22.04 -19.20
N ASN A 74 -6.28 -22.21 -17.88
CA ASN A 74 -4.99 -22.38 -17.22
C ASN A 74 -4.45 -23.78 -17.53
N LEU A 75 -3.68 -23.89 -18.60
CA LEU A 75 -3.17 -25.19 -19.04
C LEU A 75 -1.65 -25.26 -18.92
N TYR A 76 -1.13 -26.49 -18.96
CA TYR A 76 0.31 -26.77 -18.93
C TYR A 76 0.65 -27.88 -19.95
N PRO A 77 1.71 -27.66 -20.79
CA PRO A 77 2.04 -28.69 -21.79
C PRO A 77 2.45 -29.97 -21.11
N VAL A 78 1.77 -31.07 -21.46
CA VAL A 78 2.04 -32.41 -20.93
C VAL A 78 2.87 -33.21 -21.92
N THR A 86 0.56 -32.26 -25.61
CA THR A 86 -0.83 -32.29 -25.11
C THR A 86 -1.03 -31.31 -23.95
N ALA A 87 -2.17 -30.59 -23.96
CA ALA A 87 -2.54 -29.63 -22.90
C ALA A 87 -3.22 -30.31 -21.70
N GLY A 88 -2.70 -30.08 -20.51
CA GLY A 88 -3.31 -30.57 -19.26
C GLY A 88 -3.86 -29.42 -18.42
N SER A 89 -4.72 -29.77 -17.46
CA SER A 89 -5.29 -28.74 -16.55
C SER A 89 -4.40 -28.40 -15.38
N ARG A 90 -3.86 -27.18 -15.37
CA ARG A 90 -3.06 -26.76 -14.21
C ARG A 90 -3.86 -26.79 -12.91
N TRP A 91 -5.13 -26.41 -12.93
CA TRP A 91 -5.91 -26.37 -11.69
C TRP A 91 -6.02 -27.76 -11.06
N GLU A 92 -6.26 -28.79 -11.89
CA GLU A 92 -6.30 -30.18 -11.38
C GLU A 92 -4.94 -30.58 -10.78
N LEU A 93 -3.87 -30.12 -11.41
CA LEU A 93 -2.51 -30.38 -10.96
C LEU A 93 -2.22 -29.72 -9.59
N ILE A 94 -2.68 -28.47 -9.45
CA ILE A 94 -2.60 -27.73 -8.20
C ILE A 94 -3.34 -28.50 -7.09
N GLN A 95 -4.55 -28.95 -7.41
CA GLN A 95 -5.32 -29.72 -6.45
C GLN A 95 -4.57 -30.97 -6.02
N THR A 96 -4.06 -31.72 -6.98
CA THR A 96 -3.34 -32.97 -6.64
C THR A 96 -2.08 -32.70 -5.81
N ALA A 97 -1.32 -31.69 -6.23
CA ALA A 97 -0.07 -31.33 -5.52
C ALA A 97 -0.30 -30.91 -4.05
N LEU A 98 -1.30 -30.07 -3.82
CA LEU A 98 -1.52 -29.46 -2.51
C LEU A 98 -2.32 -30.30 -1.53
N LEU A 99 -3.06 -31.31 -2.01
CA LEU A 99 -3.86 -32.16 -1.11
C LEU A 99 -3.09 -33.34 -0.47
N ASN A 100 -1.77 -33.32 -0.59
CA ASN A 100 -0.90 -34.19 0.17
C ASN A 100 -0.60 -33.65 1.56
N LYS A 101 -0.29 -34.55 2.49
CA LYS A 101 0.13 -34.12 3.83
C LYS A 101 1.58 -33.64 3.85
N PHE A 102 1.82 -32.54 4.56
CA PHE A 102 3.17 -32.03 4.73
C PHE A 102 3.63 -32.43 6.13
N THR A 103 4.82 -33.04 6.24
CA THR A 103 5.48 -33.28 7.53
C THR A 103 6.90 -32.66 7.61
N ARG A 104 7.41 -32.21 6.47
CA ARG A 104 8.72 -31.62 6.34
C ARG A 104 8.69 -30.54 5.25
N PRO A 105 9.53 -29.48 5.35
CA PRO A 105 9.48 -28.40 4.37
C PRO A 105 9.69 -28.74 2.88
N GLN A 106 10.49 -29.77 2.59
CA GLN A 106 10.67 -30.27 1.23
C GLN A 106 9.36 -30.70 0.59
N ASN A 107 8.44 -31.25 1.39
CA ASN A 107 7.13 -31.61 0.89
C ASN A 107 6.41 -30.39 0.29
N LEU A 108 6.54 -29.25 0.96
CA LEU A 108 5.83 -28.03 0.51
C LEU A 108 6.54 -27.47 -0.71
N LYS A 109 7.87 -27.50 -0.69
CA LYS A 109 8.67 -27.15 -1.87
C LYS A 109 8.26 -28.00 -3.08
N ASP A 110 8.30 -29.33 -2.92
CA ASP A 110 7.95 -30.25 -3.99
C ASP A 110 6.51 -30.01 -4.49
N ALA A 111 5.56 -29.80 -3.56
CA ALA A 111 4.17 -29.49 -3.94
C ALA A 111 4.08 -28.27 -4.86
N ILE A 112 4.63 -27.11 -4.42
CA ILE A 112 4.57 -25.88 -5.17
C ILE A 112 5.23 -26.03 -6.53
N LEU A 113 6.34 -26.76 -6.58
CA LEU A 113 7.08 -26.94 -7.83
C LEU A 113 6.41 -27.88 -8.86
N LYS A 114 5.49 -28.74 -8.42
CA LYS A 114 4.77 -29.65 -9.36
C LYS A 114 4.02 -28.90 -10.49
N TYR A 115 3.56 -27.68 -10.20
CA TYR A 115 2.83 -26.85 -11.16
C TYR A 115 3.63 -25.56 -11.43
N ASN A 116 4.94 -25.63 -11.18
CA ASN A 116 5.88 -24.57 -11.51
C ASN A 116 7.22 -25.19 -11.96
N VAL A 117 7.14 -26.20 -12.82
CA VAL A 117 8.29 -27.02 -13.22
C VAL A 117 9.40 -26.18 -13.87
N ALA A 118 9.04 -25.18 -14.67
CA ALA A 118 10.05 -24.29 -15.31
C ALA A 118 10.92 -23.54 -14.27
N TYR A 119 10.44 -23.44 -13.04
CA TYR A 119 11.12 -22.71 -11.94
C TYR A 119 11.81 -23.59 -10.89
N SER A 120 11.90 -24.90 -11.15
CA SER A 120 12.58 -25.88 -10.28
C SER A 120 13.98 -25.53 -9.88
N LYS A 121 14.70 -24.86 -10.78
CA LYS A 121 16.11 -24.54 -10.55
C LYS A 121 16.31 -23.08 -10.21
N LYS A 122 15.28 -22.27 -10.43
CA LYS A 122 15.35 -20.84 -10.25
C LYS A 122 14.79 -20.38 -8.93
N TRP A 123 13.79 -21.09 -8.41
CA TRP A 123 13.19 -20.75 -7.12
C TRP A 123 13.90 -21.45 -5.92
N ASP A 124 14.49 -20.64 -5.08
CA ASP A 124 15.16 -21.09 -3.88
C ASP A 124 14.18 -21.08 -2.69
N PHE A 125 14.16 -22.16 -1.91
CA PHE A 125 13.26 -22.33 -0.78
C PHE A 125 13.97 -22.36 0.59
N THR A 126 15.19 -21.82 0.65
CA THR A 126 16.09 -21.88 1.82
C THR A 126 15.47 -21.20 3.02
N ALA A 127 14.83 -20.07 2.82
CA ALA A 127 14.19 -19.35 3.90
C ALA A 127 13.00 -20.12 4.44
N LEU A 128 12.19 -20.71 3.57
CA LEU A 128 11.10 -21.59 4.03
C LEU A 128 11.59 -22.78 4.86
N ILE A 129 12.62 -23.48 4.36
CA ILE A 129 13.20 -24.64 5.00
C ILE A 129 13.77 -24.25 6.37
N ASP A 130 14.55 -23.18 6.41
CA ASP A 130 15.15 -22.66 7.65
C ASP A 130 14.11 -22.17 8.66
N PHE A 131 13.01 -21.59 8.19
CA PHE A 131 11.97 -21.08 9.10
C PHE A 131 11.38 -22.25 9.82
N TRP A 132 10.99 -23.25 9.02
CA TRP A 132 10.32 -24.48 9.48
C TRP A 132 11.23 -25.36 10.37
N ASP A 133 12.45 -25.63 9.89
CA ASP A 133 13.41 -26.51 10.57
C ASP A 133 14.29 -25.82 11.63
N LYS A 134 14.67 -24.56 11.41
CA LYS A 134 15.72 -23.88 12.21
C LYS A 134 15.26 -22.64 13.00
N VAL A 135 14.01 -22.21 12.87
CA VAL A 135 13.52 -21.10 13.66
C VAL A 135 12.41 -21.61 14.58
N LEU A 136 11.40 -22.25 14.01
CA LEU A 136 10.25 -22.72 14.77
C LEU A 136 10.64 -23.83 15.77
N GLU A 137 9.99 -23.80 16.94
CA GLU A 137 10.06 -24.91 17.90
C GLU A 137 9.28 -26.10 17.36
N GLU A 138 9.53 -27.31 17.89
CA GLU A 138 8.82 -28.50 17.37
C GLU A 138 7.29 -28.31 17.30
N ALA A 139 6.68 -27.79 18.36
CA ALA A 139 5.22 -27.65 18.45
C ALA A 139 4.70 -26.59 17.49
N GLU A 140 5.48 -25.54 17.26
CA GLU A 140 5.12 -24.53 16.28
C GLU A 140 5.11 -25.07 14.86
N ALA A 141 6.16 -25.78 14.49
CA ALA A 141 6.22 -26.41 13.18
C ALA A 141 5.04 -27.35 12.99
N GLN A 142 4.75 -28.12 14.04
CA GLN A 142 3.64 -29.09 13.98
C GLN A 142 2.32 -28.38 13.78
N HIS A 143 2.12 -27.25 14.45
CA HIS A 143 0.93 -26.49 14.22
C HIS A 143 0.89 -25.97 12.76
N LEU A 144 2.04 -25.51 12.25
CA LEU A 144 2.13 -25.10 10.84
C LEU A 144 1.72 -26.20 9.86
N TYR A 145 2.32 -27.38 9.94
CA TYR A 145 2.02 -28.41 8.95
C TYR A 145 0.77 -29.23 9.21
N GLN A 146 0.33 -29.31 10.46
CA GLN A 146 -0.87 -30.09 10.76
C GLN A 146 -2.13 -29.25 10.72
N SER A 147 -1.99 -27.93 10.87
CA SER A 147 -3.19 -27.06 10.92
C SER A 147 -3.15 -25.87 9.97
N ILE A 148 -2.13 -25.01 10.06
CA ILE A 148 -2.16 -23.77 9.28
C ILE A 148 -2.07 -24.00 7.77
N LEU A 149 -1.05 -24.72 7.29
CA LEU A 149 -0.89 -25.06 5.88
C LEU A 149 -2.08 -25.81 5.25
N PRO A 150 -2.56 -26.95 5.84
CA PRO A 150 -3.76 -27.61 5.32
C PRO A 150 -4.99 -26.70 5.26
N ASP A 151 -5.16 -25.80 6.24
CA ASP A 151 -6.29 -24.85 6.17
C ASP A 151 -6.08 -23.82 5.05
N MET A 152 -4.80 -23.47 4.83
CA MET A 152 -4.49 -22.50 3.76
C MET A 152 -4.79 -23.16 2.43
N VAL A 153 -4.42 -24.44 2.28
CA VAL A 153 -4.72 -25.24 1.09
C VAL A 153 -6.23 -25.24 0.82
N LYS A 154 -7.05 -25.47 1.84
CA LYS A 154 -8.48 -25.61 1.62
C LYS A 154 -9.13 -24.30 1.15
N ILE A 155 -8.78 -23.16 1.75
CA ILE A 155 -9.31 -21.86 1.29
C ILE A 155 -8.78 -21.50 -0.13
N ALA A 156 -7.54 -21.89 -0.42
CA ALA A 156 -6.93 -21.72 -1.74
C ALA A 156 -7.70 -22.50 -2.79
N LEU A 157 -7.98 -23.76 -2.51
CA LEU A 157 -8.68 -24.62 -3.46
C LEU A 157 -10.18 -24.31 -3.56
N CYS A 158 -10.75 -23.60 -2.57
CA CYS A 158 -12.12 -23.06 -2.65
C CYS A 158 -12.29 -21.89 -3.62
N LEU A 159 -11.19 -21.44 -4.21
CA LEU A 159 -11.20 -20.25 -5.07
C LEU A 159 -12.38 -20.14 -6.05
N PRO A 160 -12.69 -21.20 -6.87
CA PRO A 160 -13.79 -21.01 -7.80
C PRO A 160 -15.18 -20.83 -7.12
N ASN A 161 -15.32 -21.26 -5.87
CA ASN A 161 -16.58 -21.08 -5.12
C ASN A 161 -16.67 -19.71 -4.42
N ILE A 162 -15.51 -19.11 -4.18
CA ILE A 162 -15.39 -17.86 -3.42
C ILE A 162 -15.24 -16.65 -4.34
N CYS A 163 -14.36 -16.76 -5.33
CA CYS A 163 -14.11 -15.69 -6.30
C CYS A 163 -14.75 -16.02 -7.65
N THR A 164 -16.07 -15.96 -7.65
CA THR A 164 -16.89 -16.40 -8.76
C THR A 164 -16.92 -15.39 -9.90
N GLN A 165 -16.67 -14.11 -9.59
CA GLN A 165 -16.72 -13.04 -10.57
C GLN A 165 -15.33 -12.65 -11.05
N PRO A 166 -15.14 -12.57 -12.38
CA PRO A 166 -13.87 -12.11 -12.94
C PRO A 166 -13.42 -10.77 -12.37
N ILE A 167 -12.12 -10.64 -12.16
CA ILE A 167 -11.55 -9.46 -11.50
C ILE A 167 -10.85 -8.62 -12.53
N PRO A 168 -11.31 -7.40 -12.75
CA PRO A 168 -10.66 -6.55 -13.73
C PRO A 168 -9.31 -6.03 -13.27
N LEU A 169 -8.40 -5.90 -14.22
CA LEU A 169 -7.12 -5.29 -13.93
C LEU A 169 -7.34 -3.81 -13.75
N LEU A 170 -6.80 -3.23 -12.68
CA LEU A 170 -6.75 -1.78 -12.58
C LEU A 170 -5.56 -1.31 -13.40
N ALA A 171 -5.80 -1.17 -14.70
CA ALA A 171 -4.78 -0.85 -15.71
C ALA A 171 -4.53 0.65 -15.77
N ALA A 172 -3.40 1.01 -16.40
CA ALA A 172 -2.96 2.42 -16.53
C ALA A 172 -4.08 3.31 -17.06
N ALA A 173 -4.27 4.46 -16.41
CA ALA A 173 -5.26 5.49 -16.78
C ALA A 173 -6.69 5.14 -16.45
N MET A 174 -6.94 3.98 -15.83
CA MET A 174 -8.29 3.65 -15.42
C MET A 174 -8.71 4.34 -14.15
N ASN A 175 -9.96 4.81 -14.11
CA ASN A 175 -10.60 5.34 -12.92
C ASN A 175 -11.69 4.36 -12.55
N HIS A 176 -11.31 3.45 -11.67
CA HIS A 176 -12.10 2.25 -11.38
C HIS A 176 -11.86 1.74 -9.95
N SER A 177 -12.88 1.13 -9.35
CA SER A 177 -12.83 0.59 -8.00
C SER A 177 -13.22 -0.88 -8.08
N ILE A 178 -12.64 -1.69 -7.18
CA ILE A 178 -13.05 -3.09 -6.95
C ILE A 178 -13.38 -3.26 -5.43
N THR A 179 -14.59 -3.71 -5.12
CA THR A 179 -14.99 -3.94 -3.76
C THR A 179 -15.25 -5.43 -3.64
N MET A 180 -14.45 -6.08 -2.79
N MET A 180 -14.45 -6.08 -2.79
CA MET A 180 -14.48 -7.51 -2.59
CA MET A 180 -14.50 -7.52 -2.59
C MET A 180 -14.45 -7.80 -1.10
C MET A 180 -14.50 -7.79 -1.09
N SER A 181 -14.84 -9.03 -0.72
CA SER A 181 -14.86 -9.40 0.67
C SER A 181 -13.45 -9.75 1.14
N GLN A 182 -13.19 -9.55 2.42
CA GLN A 182 -11.99 -10.01 3.06
C GLN A 182 -11.82 -11.53 2.85
N GLU A 183 -12.91 -12.29 2.87
CA GLU A 183 -12.81 -13.74 2.60
C GLU A 183 -12.26 -14.02 1.22
N GLN A 184 -12.83 -13.34 0.21
CA GLN A 184 -12.32 -13.41 -1.13
C GLN A 184 -10.84 -13.09 -1.17
N ILE A 185 -10.40 -12.02 -0.51
CA ILE A 185 -8.95 -11.70 -0.44
C ILE A 185 -8.09 -12.81 0.19
N ALA A 186 -8.62 -13.45 1.26
CA ALA A 186 -7.91 -14.51 1.96
C ALA A 186 -7.66 -15.71 1.06
N SER A 187 -8.67 -16.06 0.26
CA SER A 187 -8.56 -17.16 -0.69
C SER A 187 -7.53 -16.84 -1.81
N LEU A 188 -7.60 -15.63 -2.32
CA LEU A 188 -6.60 -15.18 -3.32
C LEU A 188 -5.15 -15.15 -2.75
N LEU A 189 -4.97 -14.65 -1.52
CA LEU A 189 -3.63 -14.60 -0.91
C LEU A 189 -3.08 -15.97 -0.56
N ALA A 190 -3.95 -16.94 -0.26
CA ALA A 190 -3.53 -18.33 -0.05
C ALA A 190 -2.97 -18.90 -1.36
N ASN A 191 -3.66 -18.60 -2.45
CA ASN A 191 -3.17 -18.93 -3.78
C ASN A 191 -1.81 -18.30 -4.06
N ALA A 192 -1.69 -17.01 -3.74
CA ALA A 192 -0.44 -16.33 -3.94
C ALA A 192 0.72 -16.97 -3.13
N PHE A 193 0.43 -17.38 -1.89
CA PHE A 193 1.38 -18.09 -1.05
C PHE A 193 1.84 -19.38 -1.69
N PHE A 194 0.90 -20.16 -2.25
CA PHE A 194 1.26 -21.42 -2.92
C PHE A 194 1.71 -21.20 -4.39
N CYS A 195 1.84 -19.95 -4.81
CA CYS A 195 2.39 -19.56 -6.12
C CYS A 195 1.62 -20.12 -7.33
N THR A 196 0.29 -19.96 -7.27
CA THR A 196 -0.56 -20.61 -8.23
C THR A 196 -0.98 -19.66 -9.34
N PHE A 197 -0.63 -18.38 -9.24
CA PHE A 197 -1.13 -17.45 -10.23
C PHE A 197 -0.28 -17.60 -11.49
N PRO A 198 -0.93 -17.96 -12.59
CA PRO A 198 -0.22 -18.15 -13.88
C PRO A 198 0.15 -16.82 -14.58
N ARG A 199 1.23 -16.86 -15.35
CA ARG A 199 1.74 -15.73 -16.15
C ARG A 199 2.35 -14.61 -15.31
N ARG A 200 2.67 -14.91 -14.04
CA ARG A 200 3.18 -13.91 -13.09
C ARG A 200 4.59 -14.23 -12.61
N ASN A 201 5.27 -15.15 -13.30
CA ASN A 201 6.57 -15.69 -12.86
C ASN A 201 7.79 -15.35 -13.73
N ALA A 202 7.63 -15.33 -15.05
CA ALA A 202 8.80 -15.22 -15.96
C ALA A 202 9.51 -13.85 -15.84
N LYS A 203 10.84 -13.90 -15.75
CA LYS A 203 11.67 -12.68 -15.78
C LYS A 203 11.43 -11.91 -17.09
N MET A 204 11.18 -12.66 -18.17
CA MET A 204 11.01 -12.07 -19.52
C MET A 204 9.55 -12.01 -19.98
N LYS A 205 8.61 -11.95 -19.03
CA LYS A 205 7.19 -11.86 -19.36
C LYS A 205 6.87 -10.50 -19.93
N SER A 206 5.84 -10.46 -20.77
CA SER A 206 5.43 -9.23 -21.39
C SER A 206 4.15 -8.73 -20.75
N GLU A 207 3.10 -9.56 -20.71
CA GLU A 207 1.74 -9.12 -20.38
C GLU A 207 1.69 -8.47 -19.02
N TYR A 208 2.33 -9.11 -18.05
CA TYR A 208 2.34 -8.66 -16.68
C TYR A 208 3.66 -8.04 -16.27
N SER A 209 4.44 -7.59 -17.23
CA SER A 209 5.72 -6.98 -16.93
C SER A 209 5.54 -5.63 -16.26
N SER A 210 4.40 -4.97 -16.54
CA SER A 210 4.06 -3.71 -15.92
C SER A 210 3.28 -3.83 -14.58
N TYR A 211 3.23 -5.03 -14.00
CA TYR A 211 2.51 -5.33 -12.77
C TYR A 211 3.48 -5.88 -11.69
N PRO A 212 3.18 -5.66 -10.40
CA PRO A 212 4.11 -6.17 -9.36
C PRO A 212 4.04 -7.71 -9.20
N ASP A 213 4.99 -8.30 -8.50
CA ASP A 213 4.93 -9.70 -8.22
C ASP A 213 3.68 -9.96 -7.37
N ILE A 214 3.09 -11.15 -7.53
CA ILE A 214 2.00 -11.58 -6.66
C ILE A 214 2.33 -12.91 -5.99
N ASN A 215 2.80 -13.91 -6.74
CA ASN A 215 3.27 -15.16 -6.15
C ASN A 215 4.35 -14.96 -5.10
N PHE A 216 4.28 -15.73 -4.00
CA PHE A 216 5.13 -15.46 -2.80
C PHE A 216 6.52 -16.17 -2.87
N ASN A 217 6.92 -16.73 -4.01
CA ASN A 217 8.20 -17.49 -4.08
C ASN A 217 9.46 -16.76 -3.56
N ARG A 218 9.58 -15.45 -3.76
CA ARG A 218 10.80 -14.77 -3.29
C ARG A 218 10.82 -14.58 -1.76
N LEU A 219 9.70 -14.83 -1.08
CA LEU A 219 9.66 -14.90 0.42
C LEU A 219 10.38 -16.10 0.97
N PHE A 220 10.50 -17.14 0.13
CA PHE A 220 11.13 -18.41 0.49
C PHE A 220 12.61 -18.50 0.15
N GLU A 221 13.16 -17.50 -0.54
CA GLU A 221 14.56 -17.60 -0.98
C GLU A 221 15.52 -16.94 0.02
N GLY A 222 16.78 -17.40 0.00
CA GLY A 222 17.87 -16.77 0.75
C GLY A 222 17.86 -17.03 2.25
N ARG A 223 18.79 -16.37 2.96
N ARG A 223 18.79 -16.37 2.96
CA ARG A 223 18.99 -16.58 4.39
CA ARG A 223 18.99 -16.58 4.39
C ARG A 223 18.91 -15.31 5.24
C ARG A 223 18.94 -15.30 5.22
N SER A 224 18.21 -14.30 4.75
CA SER A 224 18.04 -13.06 5.51
C SER A 224 17.29 -13.36 6.79
N SER A 225 17.77 -12.80 7.91
CA SER A 225 17.15 -12.99 9.23
C SER A 225 15.77 -12.33 9.28
N ARG A 226 15.42 -11.56 8.24
CA ARG A 226 14.13 -10.94 8.27
C ARG A 226 13.05 -11.80 7.65
N LYS A 227 13.41 -12.86 6.92
CA LYS A 227 12.37 -13.71 6.32
C LYS A 227 11.52 -14.42 7.36
N PRO A 228 12.12 -14.96 8.44
CA PRO A 228 11.32 -15.55 9.49
C PRO A 228 10.31 -14.60 10.07
N GLU A 229 10.68 -13.33 10.18
CA GLU A 229 9.79 -12.30 10.72
C GLU A 229 8.68 -11.97 9.73
N LYS A 230 8.98 -11.95 8.43
CA LYS A 230 7.95 -11.75 7.41
C LYS A 230 6.95 -12.93 7.41
N LEU A 231 7.46 -14.15 7.43
CA LEU A 231 6.64 -15.35 7.52
C LEU A 231 5.83 -15.44 8.81
N LYS A 232 6.37 -15.00 9.95
CA LYS A 232 5.60 -14.94 11.19
C LYS A 232 4.42 -13.96 11.04
N THR A 233 4.68 -12.83 10.41
CA THR A 233 3.65 -11.82 10.26
C THR A 233 2.50 -12.30 9.34
N LEU A 234 2.88 -12.97 8.26
CA LEU A 234 1.91 -13.49 7.29
C LEU A 234 1.16 -14.71 7.83
N PHE A 235 1.85 -15.63 8.51
CA PHE A 235 1.17 -16.80 9.08
C PHE A 235 0.23 -16.39 10.24
N CYS A 236 0.49 -15.23 10.83
CA CYS A 236 -0.41 -14.69 11.86
C CYS A 236 -1.73 -14.35 11.20
N TYR A 237 -1.63 -13.69 10.05
CA TYR A 237 -2.76 -13.37 9.19
C TYR A 237 -3.47 -14.66 8.72
N PHE A 238 -2.70 -15.61 8.18
CA PHE A 238 -3.32 -16.79 7.58
C PHE A 238 -3.99 -17.70 8.61
N ARG A 239 -3.38 -17.84 9.80
CA ARG A 239 -4.02 -18.55 10.91
C ARG A 239 -5.36 -17.89 11.33
N ARG A 240 -5.38 -16.58 11.45
CA ARG A 240 -6.62 -15.87 11.80
C ARG A 240 -7.76 -15.99 10.76
N VAL A 241 -7.47 -15.73 9.48
CA VAL A 241 -8.52 -15.76 8.42
C VAL A 241 -8.98 -17.17 7.98
N THR A 242 -8.18 -18.21 8.22
CA THR A 242 -8.63 -19.58 7.92
C THR A 242 -9.36 -20.23 9.10
N ALA A 243 -9.03 -19.83 10.33
CA ALA A 243 -9.71 -20.30 11.54
C ALA A 243 -11.13 -19.69 11.68
N ALA A 244 -11.27 -18.39 11.46
CA ALA A 244 -12.57 -17.73 11.42
C ALA A 244 -12.64 -16.76 10.24
N ALA A 245 -13.52 -17.02 9.27
CA ALA A 245 -13.69 -16.15 8.09
C ALA A 245 -13.99 -14.69 8.47
N PRO A 246 -13.25 -13.74 7.89
CA PRO A 246 -13.57 -12.33 8.16
C PRO A 246 -14.83 -11.93 7.41
N THR A 247 -15.56 -10.93 7.92
CA THR A 247 -16.88 -10.63 7.43
C THR A 247 -17.01 -9.37 6.63
N GLY A 248 -15.98 -8.52 6.64
CA GLY A 248 -16.00 -7.21 5.98
C GLY A 248 -15.59 -7.20 4.51
N LEU A 249 -15.61 -5.99 3.97
CA LEU A 249 -15.25 -5.71 2.57
C LEU A 249 -14.07 -4.76 2.58
N VAL A 250 -13.42 -4.68 1.41
CA VAL A 250 -12.24 -3.86 1.14
C VAL A 250 -12.39 -3.31 -0.29
N THR A 251 -12.15 -2.01 -0.47
CA THR A 251 -12.26 -1.36 -1.77
C THR A 251 -10.89 -0.91 -2.25
N PHE A 252 -10.61 -1.16 -3.53
CA PHE A 252 -9.35 -0.82 -4.17
C PHE A 252 -9.72 0.10 -5.29
N THR A 253 -9.22 1.33 -5.26
CA THR A 253 -9.58 2.36 -6.24
C THR A 253 -8.37 2.97 -6.90
N ARG A 254 -8.29 2.82 -8.22
CA ARG A 254 -7.25 3.50 -9.00
C ARG A 254 -7.77 4.89 -9.33
N GLN A 255 -6.96 5.90 -9.09
CA GLN A 255 -7.35 7.26 -9.40
C GLN A 255 -6.32 7.96 -10.30
N SER A 256 -6.78 8.43 -11.46
CA SER A 256 -5.95 9.12 -12.46
C SER A 256 -6.54 10.50 -12.62
N LEU A 257 -5.77 11.54 -12.35
CA LEU A 257 -6.24 12.91 -12.50
C LEU A 257 -5.69 13.49 -13.81
N GLU A 258 -6.54 14.24 -14.50
CA GLU A 258 -6.22 14.87 -15.77
C GLU A 258 -5.78 16.32 -15.48
N ASP A 259 -6.60 17.03 -14.73
CA ASP A 259 -6.35 18.44 -14.50
C ASP A 259 -5.55 18.62 -13.21
N PHE A 260 -4.38 19.22 -13.33
CA PHE A 260 -3.54 19.49 -12.18
C PHE A 260 -3.47 21.00 -11.97
N PRO A 261 -3.29 21.43 -10.73
CA PRO A 261 -3.30 22.84 -10.56
C PRO A 261 -2.15 23.54 -11.28
N GLU A 262 -2.38 24.81 -11.57
CA GLU A 262 -1.31 25.71 -11.98
C GLU A 262 -0.79 26.27 -10.69
N TRP A 263 0.23 25.62 -10.14
CA TRP A 263 0.68 25.87 -8.78
C TRP A 263 1.07 27.34 -8.54
N GLU A 264 1.81 27.95 -9.45
CA GLU A 264 2.20 29.37 -9.34
C GLU A 264 1.02 30.35 -9.23
N ARG A 265 -0.14 29.99 -9.77
CA ARG A 265 -1.32 30.85 -9.74
C ARG A 265 -2.31 30.43 -8.66
N CYS A 266 -1.99 29.40 -7.88
CA CYS A 266 -2.94 28.92 -6.86
C CYS A 266 -3.05 29.86 -5.68
N GLU A 267 -4.25 30.40 -5.48
CA GLU A 267 -4.53 31.41 -4.45
C GLU A 267 -5.10 30.88 -3.13
N LYS A 268 -5.32 29.57 -3.02
CA LYS A 268 -5.79 28.94 -1.77
C LYS A 268 -4.77 29.15 -0.65
N PRO A 269 -5.25 29.35 0.59
CA PRO A 269 -4.32 29.51 1.70
C PRO A 269 -3.89 28.14 2.23
N LEU A 270 -2.88 28.12 3.09
CA LEU A 270 -2.44 26.87 3.68
C LEU A 270 -3.48 26.40 4.67
N THR A 271 -3.50 25.09 4.94
CA THR A 271 -4.44 24.51 5.88
C THR A 271 -3.73 24.29 7.21
N ARG A 272 -4.34 23.54 8.14
CA ARG A 272 -3.76 23.40 9.47
C ARG A 272 -2.69 22.27 9.52
N LEU A 273 -1.81 22.34 10.51
CA LEU A 273 -0.77 21.35 10.71
C LEU A 273 -0.68 20.92 12.18
N HIS A 274 -0.68 19.63 12.40
CA HIS A 274 -0.18 19.08 13.62
C HIS A 274 1.08 18.35 13.26
N VAL A 275 2.20 18.62 13.94
CA VAL A 275 3.45 17.92 13.64
C VAL A 275 4.09 17.41 14.93
N THR A 276 4.55 16.15 14.92
CA THR A 276 5.00 15.48 16.12
C THR A 276 6.12 14.49 15.80
N TYR A 277 7.11 14.38 16.69
CA TYR A 277 8.20 13.43 16.51
C TYR A 277 7.95 12.08 17.17
N GLU A 278 6.84 11.97 17.90
CA GLU A 278 6.34 10.69 18.46
C GLU A 278 5.16 10.19 17.61
N GLY A 279 4.92 8.87 17.70
CA GLY A 279 3.80 8.28 17.04
C GLY A 279 4.12 7.82 15.65
N THR A 280 3.19 7.05 15.09
CA THR A 280 3.30 6.56 13.72
C THR A 280 1.98 6.79 12.94
N ILE A 281 2.06 6.74 11.60
CA ILE A 281 0.89 6.90 10.75
C ILE A 281 -0.17 5.87 11.06
N GLU A 282 0.22 4.61 11.18
CA GLU A 282 -0.74 3.53 11.40
C GLU A 282 -1.39 3.47 12.78
N GLU A 283 -0.72 3.96 13.82
CA GLU A 283 -1.29 3.97 15.17
C GLU A 283 -2.02 5.24 15.48
N ASN A 284 -1.43 6.36 15.07
CA ASN A 284 -1.89 7.66 15.54
C ASN A 284 -2.63 8.42 14.47
N GLY A 285 -3.01 7.74 13.40
CA GLY A 285 -3.76 8.37 12.32
C GLY A 285 -5.11 7.74 12.10
N GLN A 286 -5.77 7.33 13.19
CA GLN A 286 -7.06 6.63 13.07
C GLN A 286 -8.05 7.61 12.50
N GLY A 287 -8.83 7.15 11.51
CA GLY A 287 -9.80 7.97 10.85
C GLY A 287 -9.23 8.99 9.86
N MET A 288 -7.93 8.95 9.65
CA MET A 288 -7.29 9.88 8.76
C MET A 288 -6.81 9.21 7.49
N LEU A 289 -6.69 9.98 6.39
CA LEU A 289 -6.11 9.42 5.17
C LEU A 289 -4.64 9.09 5.46
N GLN A 290 -4.33 7.81 5.50
CA GLN A 290 -2.99 7.32 5.82
C GLN A 290 -2.14 7.09 4.56
N VAL A 291 -0.96 7.72 4.54
CA VAL A 291 -0.09 7.65 3.39
C VAL A 291 0.83 6.46 3.51
N ASP A 292 0.91 5.71 2.42
CA ASP A 292 1.87 4.62 2.18
C ASP A 292 2.95 5.20 1.25
N PHE A 293 4.19 5.22 1.70
CA PHE A 293 5.31 5.75 0.94
C PHE A 293 5.73 4.65 -0.04
N ALA A 294 5.04 4.65 -1.18
CA ALA A 294 4.98 3.54 -2.12
C ALA A 294 6.10 3.50 -3.15
N ASN A 295 6.20 2.35 -3.81
CA ASN A 295 6.86 2.18 -5.07
C ASN A 295 5.79 2.27 -6.17
N ARG A 296 6.21 2.63 -7.38
CA ARG A 296 5.27 2.72 -8.48
C ARG A 296 4.61 1.35 -8.71
N PHE A 297 5.38 0.29 -8.47
CA PHE A 297 4.85 -1.07 -8.38
C PHE A 297 4.40 -1.23 -6.91
N VAL A 298 3.10 -1.09 -6.67
CA VAL A 298 2.57 -0.96 -5.29
C VAL A 298 3.01 -2.14 -4.44
N GLY A 299 3.38 -1.87 -3.19
CA GLY A 299 3.78 -2.89 -2.21
C GLY A 299 5.26 -3.21 -2.16
N GLY A 300 6.00 -2.65 -3.11
CA GLY A 300 7.45 -2.70 -3.10
C GLY A 300 7.94 -4.11 -3.13
N GLY A 301 8.91 -4.40 -2.26
CA GLY A 301 9.43 -5.75 -2.11
C GLY A 301 8.76 -6.57 -1.01
N VAL A 302 7.46 -6.37 -0.81
CA VAL A 302 6.75 -7.08 0.27
C VAL A 302 6.83 -8.60 0.10
N THR A 303 6.70 -9.08 -1.14
CA THR A 303 6.81 -10.52 -1.49
C THR A 303 8.26 -10.96 -1.74
N SER A 304 9.23 -10.09 -1.45
CA SER A 304 10.65 -10.46 -1.53
C SER A 304 11.49 -9.99 -0.32
N ALA A 305 12.46 -9.10 -0.52
CA ALA A 305 13.36 -8.70 0.58
C ALA A 305 12.95 -7.40 1.25
N GLY A 306 12.14 -6.58 0.59
CA GLY A 306 11.76 -5.25 1.12
C GLY A 306 11.15 -5.28 2.53
N LEU A 307 11.54 -4.34 3.36
CA LEU A 307 11.02 -4.31 4.71
C LEU A 307 11.15 -2.92 5.33
N VAL A 308 10.68 -1.90 4.59
CA VAL A 308 10.58 -0.54 5.13
C VAL A 308 9.10 -0.10 5.15
N GLN A 309 8.81 1.20 5.11
CA GLN A 309 7.47 1.69 5.50
C GLN A 309 6.33 1.03 4.73
N GLU A 310 6.42 1.01 3.38
CA GLU A 310 5.40 0.34 2.59
C GLU A 310 5.26 -1.14 2.93
N GLU A 311 6.37 -1.88 2.92
CA GLU A 311 6.32 -3.32 3.12
C GLU A 311 5.86 -3.68 4.52
N ILE A 312 6.25 -2.91 5.52
CA ILE A 312 5.75 -3.16 6.87
C ILE A 312 4.21 -2.99 6.91
N ARG A 313 3.68 -1.96 6.25
CA ARG A 313 2.22 -1.77 6.28
C ARG A 313 1.46 -2.92 5.55
N PHE A 314 2.06 -3.38 4.45
CA PHE A 314 1.50 -4.45 3.66
C PHE A 314 1.49 -5.78 4.42
N LEU A 315 2.37 -5.94 5.39
CA LEU A 315 2.54 -7.17 6.16
C LEU A 315 1.59 -7.17 7.36
N ILE A 316 1.48 -6.02 8.01
CA ILE A 316 0.59 -5.92 9.17
C ILE A 316 -0.85 -5.80 8.74
N ASN A 317 -1.09 -5.29 7.53
CA ASN A 317 -2.41 -5.34 6.90
C ASN A 317 -2.30 -6.12 5.59
N PRO A 318 -2.28 -7.46 5.66
CA PRO A 318 -1.98 -8.27 4.44
C PRO A 318 -2.96 -8.17 3.31
N GLU A 319 -4.18 -7.71 3.59
CA GLU A 319 -5.15 -7.52 2.49
C GLU A 319 -4.67 -6.49 1.44
N LEU A 320 -3.76 -5.60 1.85
CA LEU A 320 -3.09 -4.69 0.94
C LEU A 320 -2.31 -5.42 -0.18
N ILE A 321 -1.69 -6.56 0.14
CA ILE A 321 -0.85 -7.29 -0.78
C ILE A 321 -1.65 -7.65 -2.05
N ILE A 322 -2.95 -7.94 -1.92
CA ILE A 322 -3.72 -8.41 -3.10
C ILE A 322 -3.85 -7.34 -4.17
N SER A 323 -3.54 -6.09 -3.82
CA SER A 323 -3.55 -5.02 -4.78
C SER A 323 -2.56 -5.36 -5.89
N ARG A 324 -1.51 -6.07 -5.54
CA ARG A 324 -0.48 -6.48 -6.51
C ARG A 324 -0.99 -7.40 -7.63
N LEU A 325 -2.09 -8.10 -7.37
CA LEU A 325 -2.67 -9.03 -8.34
C LEU A 325 -3.20 -8.26 -9.53
N PHE A 326 -3.82 -7.11 -9.27
CA PHE A 326 -4.52 -6.38 -10.31
C PHE A 326 -4.13 -4.92 -10.53
N THR A 327 -3.14 -4.40 -9.79
CA THR A 327 -2.77 -2.96 -9.93
C THR A 327 -1.50 -2.70 -10.76
N GLU A 328 -1.69 -2.19 -11.99
CA GLU A 328 -0.59 -1.93 -12.91
C GLU A 328 0.27 -0.84 -12.29
N VAL A 329 1.55 -0.80 -12.68
CA VAL A 329 2.50 0.20 -12.21
C VAL A 329 1.89 1.60 -12.30
N LEU A 330 2.03 2.38 -11.24
CA LEU A 330 1.47 3.74 -11.18
C LEU A 330 2.29 4.71 -12.04
N ASP A 331 1.58 5.52 -12.82
CA ASP A 331 2.15 6.59 -13.62
C ASP A 331 2.18 7.85 -12.74
N HIS A 332 2.92 8.86 -13.19
CA HIS A 332 3.10 10.11 -12.44
C HIS A 332 1.79 10.75 -11.97
N ASN A 333 0.72 10.62 -12.74
CA ASN A 333 -0.57 11.20 -12.33
C ASN A 333 -1.54 10.28 -11.56
N GLU A 334 -1.07 9.12 -11.08
CA GLU A 334 -1.98 8.16 -10.49
C GLU A 334 -1.65 7.78 -9.02
N CYS A 335 -2.66 7.28 -8.34
CA CYS A 335 -2.50 6.63 -7.03
C CYS A 335 -3.44 5.46 -6.91
N LEU A 336 -3.33 4.73 -5.80
CA LEU A 336 -4.23 3.67 -5.39
C LEU A 336 -4.72 3.95 -3.98
N ILE A 337 -6.04 3.99 -3.80
CA ILE A 337 -6.67 4.24 -2.51
C ILE A 337 -7.32 2.92 -2.05
N ILE A 338 -6.90 2.44 -0.88
CA ILE A 338 -7.43 1.20 -0.31
C ILE A 338 -8.17 1.52 1.02
N THR A 339 -9.44 1.15 1.06
CA THR A 339 -10.33 1.39 2.19
C THR A 339 -10.87 0.08 2.70
N GLY A 340 -10.65 -0.18 3.97
CA GLY A 340 -11.16 -1.38 4.64
C GLY A 340 -10.16 -2.42 5.11
N THR A 341 -8.88 -2.25 4.81
CA THR A 341 -7.92 -3.26 5.24
C THR A 341 -7.86 -3.26 6.76
N GLU A 342 -7.66 -4.48 7.31
CA GLU A 342 -7.64 -4.74 8.73
C GLU A 342 -6.23 -5.03 9.17
N GLN A 343 -5.89 -4.54 10.36
CA GLN A 343 -4.56 -4.80 10.91
C GLN A 343 -4.60 -6.14 11.65
N TYR A 344 -3.69 -7.05 11.31
CA TYR A 344 -3.65 -8.36 11.96
C TYR A 344 -2.44 -8.58 12.85
N SER A 345 -1.41 -7.75 12.71
CA SER A 345 -0.16 -7.89 13.49
C SER A 345 0.34 -6.55 14.01
N GLU A 346 1.18 -6.62 15.05
CA GLU A 346 1.94 -5.52 15.60
C GLU A 346 3.38 -5.86 15.41
N TYR A 347 4.23 -4.84 15.35
CA TYR A 347 5.63 -4.99 15.00
C TYR A 347 6.50 -3.98 15.75
N THR A 348 7.79 -4.24 15.78
CA THR A 348 8.76 -3.22 16.20
C THR A 348 9.84 -3.15 15.14
N GLY A 349 10.52 -2.00 15.08
CA GLY A 349 11.65 -1.79 14.20
C GLY A 349 11.29 -1.73 12.73
N TYR A 350 12.30 -1.97 11.90
CA TYR A 350 12.23 -1.86 10.47
C TYR A 350 13.45 -2.58 9.88
N ALA A 351 13.37 -2.94 8.61
CA ALA A 351 14.49 -3.59 7.94
C ALA A 351 15.11 -4.69 8.82
N GLU A 352 16.40 -4.57 9.13
N GLU A 352 16.41 -4.51 9.12
CA GLU A 352 17.11 -5.61 9.88
CA GLU A 352 17.20 -5.48 9.89
C GLU A 352 16.66 -5.71 11.34
C GLU A 352 16.72 -5.66 11.34
N THR A 353 16.07 -4.64 11.90
CA THR A 353 15.52 -4.73 13.27
C THR A 353 14.03 -5.06 13.30
N TYR A 354 13.40 -5.31 12.15
CA TYR A 354 11.96 -5.62 12.13
C TYR A 354 11.67 -6.94 12.83
N ARG A 355 10.70 -6.93 13.74
CA ARG A 355 10.24 -8.12 14.43
C ARG A 355 8.71 -8.13 14.50
N TRP A 356 8.12 -9.29 14.19
CA TRP A 356 6.73 -9.53 14.50
C TRP A 356 6.58 -9.54 16.02
N SER A 357 5.71 -8.68 16.55
CA SER A 357 5.53 -8.52 17.97
C SER A 357 4.47 -9.48 18.53
N ARG A 358 3.29 -9.47 17.94
CA ARG A 358 2.14 -10.20 18.43
C ARG A 358 0.97 -9.98 17.46
N SER A 359 -0.07 -10.79 17.62
CA SER A 359 -1.33 -10.67 16.90
C SER A 359 -2.04 -9.38 17.31
N HIS A 360 -2.72 -8.73 16.38
CA HIS A 360 -3.45 -7.50 16.64
C HIS A 360 -4.94 -7.71 16.40
N GLU A 361 -5.75 -7.28 17.37
CA GLU A 361 -7.19 -7.31 17.27
C GLU A 361 -7.65 -5.91 16.90
N ASP A 362 -7.98 -5.76 15.61
CA ASP A 362 -8.35 -4.48 15.04
C ASP A 362 -9.70 -4.08 15.64
N GLY A 363 -9.72 -2.94 16.32
CA GLY A 363 -10.93 -2.41 16.94
C GLY A 363 -11.64 -1.32 16.15
N SER A 364 -11.22 -1.10 14.89
CA SER A 364 -11.78 -0.07 14.03
C SER A 364 -13.23 -0.39 13.75
N GLU A 365 -14.08 0.63 13.74
CA GLU A 365 -15.44 0.49 13.30
C GLU A 365 -15.47 0.16 11.80
N ARG A 366 -16.61 -0.35 11.36
N ARG A 366 -16.62 -0.34 11.36
CA ARG A 366 -16.88 -0.60 9.95
CA ARG A 366 -16.89 -0.54 9.94
C ARG A 366 -17.93 0.40 9.44
C ARG A 366 -17.91 0.45 9.46
N ASP A 367 -17.76 0.88 8.20
CA ASP A 367 -18.68 1.79 7.57
C ASP A 367 -19.91 1.07 7.06
N ASP A 368 -20.80 1.78 6.37
CA ASP A 368 -22.03 1.18 5.85
C ASP A 368 -21.84 0.09 4.78
N TRP A 369 -20.65 -0.02 4.20
CA TRP A 369 -20.31 -1.12 3.29
C TRP A 369 -19.48 -2.21 3.97
N GLN A 370 -19.54 -2.25 5.30
CA GLN A 370 -18.79 -3.21 6.10
C GLN A 370 -17.27 -3.18 5.81
N ARG A 371 -16.74 -2.00 5.48
CA ARG A 371 -15.30 -1.76 5.39
C ARG A 371 -14.76 -1.20 6.70
N ARG A 372 -13.68 -1.76 7.23
CA ARG A 372 -12.97 -1.11 8.37
C ARG A 372 -12.71 0.34 7.98
N CYS A 373 -12.88 1.25 8.94
CA CYS A 373 -12.71 2.69 8.74
C CYS A 373 -11.22 3.07 8.73
N THR A 374 -10.53 2.56 7.73
CA THR A 374 -9.10 2.73 7.51
C THR A 374 -8.88 2.92 5.98
N GLU A 375 -8.46 4.13 5.61
CA GLU A 375 -8.22 4.53 4.22
C GLU A 375 -6.73 4.79 4.03
N ILE A 376 -6.12 4.01 3.14
CA ILE A 376 -4.69 4.12 2.87
C ILE A 376 -4.55 4.56 1.40
N VAL A 377 -3.71 5.57 1.15
CA VAL A 377 -3.33 5.94 -0.24
C VAL A 377 -1.85 5.59 -0.50
N ALA A 378 -1.61 4.79 -1.53
CA ALA A 378 -0.28 4.53 -2.03
C ALA A 378 0.12 5.63 -3.02
N ILE A 379 1.05 6.51 -2.61
CA ILE A 379 1.67 7.48 -3.51
C ILE A 379 3.19 7.28 -3.51
N ASP A 380 3.72 7.03 -4.70
CA ASP A 380 5.13 6.85 -4.87
C ASP A 380 5.86 8.17 -5.13
N ALA A 381 6.80 8.52 -4.26
CA ALA A 381 7.73 9.66 -4.50
C ALA A 381 8.74 9.22 -5.50
N LEU A 382 9.54 10.17 -5.97
CA LEU A 382 10.61 9.85 -6.90
C LEU A 382 11.81 9.39 -6.10
N HIS A 383 12.58 8.50 -6.70
CA HIS A 383 13.81 8.01 -6.09
C HIS A 383 14.94 8.87 -6.63
N PHE A 384 15.52 9.70 -5.76
CA PHE A 384 16.56 10.63 -6.19
C PHE A 384 17.95 10.03 -5.93
N ARG A 385 18.75 9.99 -7.00
CA ARG A 385 20.13 9.47 -6.94
C ARG A 385 21.05 10.59 -6.47
N ARG A 386 20.74 11.82 -6.86
CA ARG A 386 21.50 13.02 -6.45
C ARG A 386 20.59 13.98 -5.70
N TYR A 387 21.09 14.57 -4.63
CA TYR A 387 20.32 15.46 -3.79
C TYR A 387 19.70 16.64 -4.57
N LEU A 388 20.48 17.32 -5.40
CA LEU A 388 20.00 18.51 -6.11
C LEU A 388 18.93 18.26 -7.15
N ASP A 389 18.84 17.03 -7.67
CA ASP A 389 17.83 16.66 -8.64
C ASP A 389 16.41 17.02 -8.20
N GLN A 390 16.11 16.91 -6.92
CA GLN A 390 14.72 17.10 -6.41
C GLN A 390 14.23 18.53 -6.43
N PHE A 391 15.15 19.49 -6.47
CA PHE A 391 14.81 20.92 -6.57
C PHE A 391 14.48 21.44 -8.00
N VAL A 392 14.77 20.64 -9.03
CA VAL A 392 14.39 20.97 -10.41
C VAL A 392 12.87 21.13 -10.49
N PRO A 393 12.39 22.26 -11.06
CA PRO A 393 10.95 22.53 -11.01
C PRO A 393 10.05 21.42 -11.51
N GLU A 394 10.43 20.72 -12.57
CA GLU A 394 9.58 19.65 -13.05
C GLU A 394 9.48 18.49 -12.04
N LYS A 395 10.50 18.32 -11.21
CA LYS A 395 10.52 17.26 -10.20
C LYS A 395 9.69 17.68 -8.98
N MET A 396 9.79 18.94 -8.59
CA MET A 396 8.92 19.52 -7.55
C MET A 396 7.45 19.45 -7.98
N ARG A 397 7.18 19.84 -9.21
N ARG A 397 7.17 19.86 -9.20
CA ARG A 397 5.82 19.83 -9.76
CA ARG A 397 5.80 19.83 -9.72
C ARG A 397 5.29 18.40 -9.80
C ARG A 397 5.28 18.39 -9.80
N ARG A 398 6.16 17.45 -10.13
CA ARG A 398 5.80 16.03 -10.20
C ARG A 398 5.37 15.55 -8.82
N GLU A 399 6.15 15.89 -7.79
CA GLU A 399 5.88 15.49 -6.42
C GLU A 399 4.61 16.17 -5.91
N LEU A 400 4.46 17.47 -6.15
CA LEU A 400 3.20 18.14 -5.82
C LEU A 400 1.97 17.41 -6.42
N ASN A 401 2.05 17.05 -7.69
CA ASN A 401 0.91 16.49 -8.39
C ASN A 401 0.60 15.08 -7.94
N LYS A 402 1.62 14.31 -7.59
CA LYS A 402 1.44 12.96 -7.07
C LYS A 402 0.72 13.06 -5.72
N ALA A 403 1.27 13.83 -4.80
CA ALA A 403 0.64 14.02 -3.48
C ALA A 403 -0.80 14.53 -3.64
N TYR A 404 -1.01 15.51 -4.52
CA TYR A 404 -2.35 16.09 -4.78
C TYR A 404 -3.33 15.02 -5.32
N CYS A 405 -2.90 14.19 -6.26
CA CYS A 405 -3.76 13.10 -6.74
C CYS A 405 -4.12 12.15 -5.58
N GLY A 406 -3.14 11.85 -4.72
CA GLY A 406 -3.36 11.02 -3.52
C GLY A 406 -4.35 11.60 -2.52
N PHE A 407 -4.32 12.93 -2.36
CA PHE A 407 -5.13 13.63 -1.39
C PHE A 407 -6.52 14.02 -1.92
N LEU A 408 -6.65 14.35 -3.21
CA LEU A 408 -7.91 14.85 -3.77
C LEU A 408 -9.00 13.81 -3.89
N ARG A 409 -10.21 14.20 -3.50
CA ARG A 409 -11.39 13.33 -3.66
C ARG A 409 -12.43 14.09 -4.46
N PRO A 410 -12.36 13.97 -5.80
CA PRO A 410 -13.26 14.73 -6.65
C PRO A 410 -14.74 14.62 -6.22
N GLY A 411 -15.36 15.78 -6.02
CA GLY A 411 -16.78 15.88 -5.70
C GLY A 411 -17.12 15.74 -4.22
N VAL A 412 -16.10 15.71 -3.35
CA VAL A 412 -16.32 15.63 -1.90
C VAL A 412 -15.99 17.00 -1.33
N SER A 413 -16.85 17.53 -0.47
CA SER A 413 -16.66 18.82 0.19
C SER A 413 -15.58 18.71 1.29
N SER A 414 -14.87 19.81 1.52
CA SER A 414 -13.75 19.83 2.45
C SER A 414 -14.13 19.40 3.86
N GLU A 415 -15.31 19.79 4.32
CA GLU A 415 -15.81 19.43 5.65
C GLU A 415 -15.98 17.93 5.79
N ASN A 416 -16.05 17.20 4.68
CA ASN A 416 -16.09 15.73 4.77
C ASN A 416 -14.77 15.04 4.40
N LEU A 417 -13.69 15.79 4.48
CA LEU A 417 -12.37 15.23 4.26
C LEU A 417 -11.58 15.17 5.57
N SER A 418 -11.15 13.96 5.91
CA SER A 418 -10.28 13.74 7.04
C SER A 418 -8.92 14.42 6.83
N ALA A 419 -8.17 14.63 7.93
CA ALA A 419 -6.82 15.12 7.82
C ALA A 419 -5.97 14.08 7.09
N VAL A 420 -4.88 14.53 6.47
CA VAL A 420 -3.87 13.60 5.90
C VAL A 420 -2.84 13.24 6.98
N ALA A 421 -2.71 11.94 7.26
CA ALA A 421 -1.72 11.41 8.18
C ALA A 421 -0.53 10.94 7.36
N THR A 422 0.54 11.70 7.42
CA THR A 422 1.72 11.46 6.61
C THR A 422 3.00 11.67 7.39
N GLY A 423 4.14 11.68 6.70
CA GLY A 423 5.43 11.87 7.32
C GLY A 423 6.53 12.07 6.29
N ASN A 424 7.70 11.45 6.50
CA ASN A 424 8.89 11.68 5.69
C ASN A 424 8.86 10.93 4.37
N TRP A 425 7.79 11.20 3.61
CA TRP A 425 7.52 10.58 2.27
C TRP A 425 8.69 10.75 1.30
N GLY A 426 9.20 9.63 0.81
CA GLY A 426 10.28 9.67 -0.12
C GLY A 426 11.64 10.03 0.42
N CYS A 427 11.77 10.17 1.75
CA CYS A 427 13.00 10.68 2.36
C CYS A 427 13.85 9.63 3.12
N GLY A 428 13.65 8.35 2.82
CA GLY A 428 14.48 7.26 3.35
C GLY A 428 15.15 6.56 2.19
N ALA A 429 14.63 5.41 1.78
CA ALA A 429 15.17 4.70 0.63
C ALA A 429 15.21 5.60 -0.62
N PHE A 430 14.29 6.56 -0.74
CA PHE A 430 14.21 7.35 -1.98
C PHE A 430 15.02 8.65 -1.95
N GLY A 431 15.74 8.88 -0.85
CA GLY A 431 16.71 9.97 -0.79
C GLY A 431 16.21 11.41 -0.86
N GLY A 432 14.93 11.63 -0.60
CA GLY A 432 14.36 12.98 -0.58
C GLY A 432 14.75 13.78 0.64
N ASP A 433 14.61 15.10 0.53
CA ASP A 433 14.86 16.00 1.62
C ASP A 433 13.54 16.26 2.35
N ALA A 434 13.53 16.01 3.67
CA ALA A 434 12.31 16.04 4.46
C ALA A 434 11.68 17.41 4.51
N ARG A 435 12.49 18.46 4.57
CA ARG A 435 11.98 19.81 4.67
C ARG A 435 11.27 20.24 3.37
N LEU A 436 11.88 19.91 2.24
CA LEU A 436 11.21 20.14 0.95
C LEU A 436 9.96 19.28 0.81
N LYS A 437 10.05 17.98 1.05
CA LYS A 437 8.89 17.13 0.91
C LYS A 437 7.74 17.54 1.83
N ALA A 438 8.05 18.10 2.99
CA ALA A 438 7.04 18.46 3.93
C ALA A 438 6.26 19.64 3.38
N LEU A 439 6.99 20.61 2.82
CA LEU A 439 6.35 21.76 2.22
C LEU A 439 5.54 21.36 1.00
N ILE A 440 6.06 20.41 0.20
CA ILE A 440 5.34 19.89 -0.99
C ILE A 440 4.02 19.27 -0.58
N GLN A 441 4.04 18.49 0.49
CA GLN A 441 2.80 17.86 1.01
C GLN A 441 1.81 18.87 1.63
N ILE A 442 2.34 19.86 2.33
CA ILE A 442 1.54 20.95 2.88
C ILE A 442 0.84 21.72 1.76
N LEU A 443 1.53 21.92 0.64
CA LEU A 443 0.93 22.62 -0.50
C LEU A 443 -0.12 21.75 -1.23
N ALA A 444 0.20 20.47 -1.44
CA ALA A 444 -0.75 19.52 -2.03
C ALA A 444 -2.05 19.40 -1.19
N ALA A 445 -1.88 19.33 0.13
CA ALA A 445 -2.98 19.21 1.07
C ALA A 445 -3.90 20.45 1.05
N ALA A 446 -3.25 21.62 1.05
CA ALA A 446 -3.89 22.90 0.92
C ALA A 446 -4.74 23.03 -0.34
N ALA A 447 -4.16 22.67 -1.49
CA ALA A 447 -4.87 22.66 -2.76
C ALA A 447 -6.05 21.66 -2.75
N ALA A 448 -5.87 20.54 -2.07
CA ALA A 448 -6.93 19.51 -1.94
C ALA A 448 -7.87 19.82 -0.77
N GLU A 449 -7.61 20.91 -0.06
CA GLU A 449 -8.43 21.35 1.07
C GLU A 449 -8.50 20.42 2.28
N ARG A 450 -7.35 19.84 2.60
CA ARG A 450 -7.19 18.93 3.73
C ARG A 450 -6.15 19.48 4.69
N ASP A 451 -6.34 19.24 5.99
CA ASP A 451 -5.33 19.48 6.99
C ASP A 451 -4.30 18.34 7.00
N VAL A 452 -3.15 18.63 7.59
CA VAL A 452 -2.01 17.75 7.58
C VAL A 452 -1.63 17.36 9.03
N VAL A 453 -1.45 16.07 9.25
CA VAL A 453 -0.91 15.52 10.50
C VAL A 453 0.40 14.80 10.08
N TYR A 454 1.51 15.42 10.43
CA TYR A 454 2.84 15.01 10.02
C TYR A 454 3.59 14.33 11.19
N PHE A 455 4.01 13.07 10.98
CA PHE A 455 4.83 12.30 11.92
C PHE A 455 6.29 12.30 11.48
N THR A 456 7.19 12.89 12.26
CA THR A 456 8.56 13.00 11.83
C THR A 456 9.40 11.78 12.21
N PHE A 457 8.80 10.82 12.94
CA PHE A 457 9.43 9.54 13.21
C PHE A 457 10.78 9.68 13.99
N GLY A 458 10.72 10.39 15.12
CA GLY A 458 11.80 10.52 16.08
C GLY A 458 12.60 11.81 15.96
N ASP A 459 12.40 12.56 14.88
CA ASP A 459 13.23 13.74 14.59
C ASP A 459 12.55 14.96 15.20
N SER A 460 12.98 15.34 16.40
CA SER A 460 12.39 16.50 17.08
C SER A 460 12.74 17.80 16.40
N GLU A 461 13.93 17.87 15.83
CA GLU A 461 14.38 19.12 15.22
C GLU A 461 13.57 19.35 13.94
N LEU A 462 13.27 18.27 13.21
CA LEU A 462 12.48 18.39 12.00
C LEU A 462 11.05 18.86 12.34
N MET A 463 10.50 18.35 13.44
CA MET A 463 9.18 18.78 13.90
C MET A 463 9.12 20.29 14.14
N ARG A 464 10.10 20.77 14.88
CA ARG A 464 10.23 22.21 15.15
C ARG A 464 10.37 23.00 13.86
N ASP A 465 11.19 22.51 12.93
CA ASP A 465 11.50 23.26 11.69
C ASP A 465 10.28 23.36 10.80
N ILE A 466 9.53 22.27 10.64
CA ILE A 466 8.32 22.26 9.83
C ILE A 466 7.28 23.20 10.44
N TYR A 467 7.13 23.15 11.76
CA TYR A 467 6.15 23.95 12.48
C TYR A 467 6.45 25.44 12.30
N SER A 468 7.71 25.81 12.53
CA SER A 468 8.16 27.19 12.44
C SER A 468 7.89 27.75 11.05
N MET A 469 8.20 26.97 10.02
CA MET A 469 7.99 27.40 8.63
C MET A 469 6.51 27.55 8.32
N HIS A 470 5.70 26.55 8.67
CA HIS A 470 4.26 26.56 8.42
C HIS A 470 3.60 27.75 9.13
N ILE A 471 3.96 27.99 10.36
CA ILE A 471 3.38 29.10 11.12
C ILE A 471 3.89 30.43 10.52
N PHE A 472 5.17 30.52 10.16
CA PHE A 472 5.69 31.71 9.44
C PHE A 472 4.89 32.00 8.17
N LEU A 473 4.67 31.00 7.33
CA LEU A 473 3.92 31.20 6.08
C LEU A 473 2.43 31.54 6.32
N THR A 474 1.86 30.93 7.36
CA THR A 474 0.45 31.09 7.66
C THR A 474 0.19 32.47 8.19
N GLU A 475 0.98 32.88 9.17
CA GLU A 475 0.90 34.23 9.73
C GLU A 475 1.08 35.30 8.67
N ARG A 476 1.93 35.07 7.66
CA ARG A 476 2.12 36.05 6.60
C ARG A 476 1.14 35.88 5.43
N LYS A 477 0.22 34.92 5.56
CA LYS A 477 -0.88 34.71 4.61
C LYS A 477 -0.45 34.38 3.20
N LEU A 478 0.71 33.76 3.05
CA LEU A 478 1.19 33.35 1.76
C LEU A 478 0.31 32.21 1.25
N THR A 479 -0.08 32.32 -0.02
CA THR A 479 -0.92 31.33 -0.68
C THR A 479 -0.02 30.18 -1.18
N VAL A 480 -0.63 29.12 -1.72
CA VAL A 480 0.08 27.99 -2.33
C VAL A 480 1.00 28.49 -3.46
N GLY A 481 0.46 29.35 -4.31
CA GLY A 481 1.22 29.99 -5.38
C GLY A 481 2.40 30.80 -4.87
N ASP A 482 2.19 31.60 -3.82
CA ASP A 482 3.26 32.37 -3.23
C ASP A 482 4.40 31.44 -2.76
N VAL A 483 4.06 30.27 -2.19
CA VAL A 483 5.07 29.39 -1.65
C VAL A 483 5.76 28.66 -2.78
N TYR A 484 5.01 28.22 -3.80
CA TYR A 484 5.62 27.52 -4.95
C TYR A 484 6.60 28.43 -5.69
N LYS A 485 6.25 29.72 -5.83
CA LYS A 485 7.14 30.68 -6.47
C LYS A 485 8.45 30.76 -5.68
N LEU A 486 8.37 30.71 -4.35
CA LEU A 486 9.58 30.72 -3.53
C LEU A 486 10.45 29.47 -3.76
N LEU A 487 9.82 28.30 -4.01
CA LEU A 487 10.57 27.10 -4.35
C LEU A 487 11.29 27.30 -5.67
N LEU A 488 10.60 27.89 -6.65
CA LEU A 488 11.20 28.14 -7.95
C LEU A 488 12.41 29.12 -7.83
N ARG A 489 12.31 30.09 -6.92
CA ARG A 489 13.42 31.01 -6.66
C ARG A 489 14.60 30.30 -6.05
N TYR A 490 14.34 29.37 -5.12
CA TYR A 490 15.45 28.63 -4.47
C TYR A 490 16.18 27.83 -5.54
N TYR A 491 15.43 27.15 -6.41
CA TYR A 491 16.06 26.41 -7.49
C TYR A 491 16.95 27.30 -8.35
N ASN A 492 16.44 28.48 -8.69
CA ASN A 492 17.18 29.36 -9.60
C ASN A 492 18.44 30.00 -9.01
N GLU A 493 18.37 30.45 -7.77
CA GLU A 493 19.49 31.12 -7.08
C GLU A 493 20.52 30.22 -6.43
N GLU A 494 20.10 29.04 -5.98
CA GLU A 494 20.96 28.13 -5.20
C GLU A 494 21.22 26.73 -5.80
N CYS A 495 20.43 26.31 -6.80
CA CYS A 495 20.53 24.96 -7.35
C CYS A 495 20.91 24.87 -8.84
N ARG A 496 20.34 25.72 -9.69
CA ARG A 496 20.47 25.59 -11.16
C ARG A 496 21.90 25.70 -11.67
N ASN A 497 22.62 26.70 -11.18
CA ASN A 497 24.01 26.94 -11.58
C ASN A 497 25.02 26.47 -10.52
N CYS A 498 24.55 25.63 -9.61
CA CYS A 498 25.40 25.05 -8.58
C CYS A 498 26.13 23.82 -9.14
N SER A 499 27.46 23.88 -9.17
CA SER A 499 28.32 22.74 -9.62
C SER A 499 28.67 21.74 -8.51
N THR A 500 28.74 22.21 -7.27
CA THR A 500 29.01 21.31 -6.14
C THR A 500 27.77 20.44 -5.82
N PRO A 501 27.96 19.31 -5.09
CA PRO A 501 26.82 18.37 -4.83
C PRO A 501 25.69 18.95 -3.97
N GLY A 502 25.99 19.87 -3.06
CA GLY A 502 24.98 20.48 -2.20
C GLY A 502 24.94 21.99 -2.38
N PRO A 503 23.76 22.62 -2.21
CA PRO A 503 23.64 24.07 -2.32
C PRO A 503 24.32 24.82 -1.16
N ASP A 504 24.67 26.07 -1.44
CA ASP A 504 25.36 26.92 -0.48
C ASP A 504 24.47 27.24 0.75
N ILE A 505 23.19 27.55 0.50
N ILE A 505 23.21 27.59 0.53
CA ILE A 505 22.19 27.90 1.53
CA ILE A 505 22.28 27.79 1.65
C ILE A 505 21.09 26.83 1.52
C ILE A 505 21.10 26.85 1.53
N LYS A 506 20.50 26.51 2.68
CA LYS A 506 19.42 25.50 2.76
C LYS A 506 18.06 26.14 2.42
N LEU A 507 17.06 25.31 2.11
CA LEU A 507 15.73 25.80 1.65
C LEU A 507 14.99 26.70 2.65
N TYR A 508 14.84 26.28 3.91
CA TYR A 508 14.10 27.07 4.88
C TYR A 508 14.81 28.43 5.19
N PRO A 509 16.11 28.43 5.49
CA PRO A 509 16.79 29.74 5.63
C PRO A 509 16.53 30.67 4.43
N PHE A 510 16.58 30.11 3.22
CA PHE A 510 16.32 30.89 2.00
C PHE A 510 14.93 31.52 1.95
N ILE A 511 13.92 30.73 2.25
CA ILE A 511 12.53 31.21 2.31
C ILE A 511 12.34 32.33 3.32
N TYR A 512 12.85 32.14 4.54
CA TYR A 512 12.76 33.13 5.60
C TYR A 512 13.41 34.45 5.17
N HIS A 513 14.60 34.37 4.59
N HIS A 513 14.60 34.37 4.59
CA HIS A 513 15.30 35.55 4.10
CA HIS A 513 15.31 35.56 4.10
C HIS A 513 14.55 36.20 2.93
C HIS A 513 14.56 36.20 2.92
N ALA A 514 14.06 35.38 2.01
CA ALA A 514 13.33 35.88 0.84
C ALA A 514 12.06 36.67 1.23
N VAL A 515 11.27 36.13 2.16
CA VAL A 515 10.03 36.78 2.60
C VAL A 515 10.29 37.99 3.48
N GLU A 516 11.16 37.83 4.48
CA GLU A 516 11.42 38.87 5.45
C GLU A 516 12.02 40.10 4.79
N SER A 517 12.92 39.90 3.84
CA SER A 517 13.62 41.00 3.20
C SER A 517 12.80 41.66 2.08
N CYS A 518 11.55 41.27 1.90
CA CYS A 518 10.69 42.00 0.98
C CYS A 518 9.37 42.40 1.65
#